data_4U5L
#
_entry.id   4U5L
#
_cell.length_a   78.896
_cell.length_b   90.604
_cell.length_c   100.409
_cell.angle_alpha   90.000
_cell.angle_beta   90.000
_cell.angle_gamma   90.000
#
_symmetry.space_group_name_H-M   'P 21 21 21'
#
loop_
_entity.id
_entity.type
_entity.pdbx_description
1 polymer 'Importin subunit alpha-1'
2 non-polymer N~2~-[4-(pyridin-3-yl)benzyl]-L-lysinamide
3 water water
#
_entity_poly.entity_id   1
_entity_poly.type   'polypeptide(L)'
_entity_poly.pdbx_seq_one_letter_code
;GTVNWSVEDIVKGINSNNLESQLQATQAARKLLSREKQPPIDNIIRAGLIPKFVSFLGKTDCSPIQFESAWALTNIASGT
SEQTKAVVDGGAIPAFISLLASPHAHISEQAVWALGNIAGDGSAFRDLVIKHGAIDPLLALLAVPDLSTLACGYLRNLTW
TLSNLCRNKNPAPPLDAVEQILPTLVRLLHHNDPEVLADSCWAISYLTDGPNERIEMVVKKGVVPQLVKLLGATELPIVT
PALRAIGNIVTGTDEQTQKVIDAGALAVFPSLLTNPKTNIQKEATWTMSNITAGRQDQIQQVVNHGLVPFLVGVLSKADF
KTQKEAAWAITNYTSGGTVEQIVYLVHCGIIEPLMNLLSAKDTKIIQVILDAISNIFQAAEKLGETEKLSIMIEECGGLD
KIEALQRHENESVYKASLNLIEKYFS
;
_entity_poly.pdbx_strand_id   A
#
loop_
_chem_comp.id
_chem_comp.type
_chem_comp.name
_chem_comp.formula
3D6 non-polymer N~2~-[4-(pyridin-3-yl)benzyl]-L-lysinamide 'C18 H24 N4 O'
#
# COMPACT_ATOMS: atom_id res chain seq x y z
N GLY A 1 -6.32 32.04 28.34
CA GLY A 1 -6.67 31.29 29.54
C GLY A 1 -5.68 30.19 29.93
N THR A 2 -5.52 29.20 29.04
CA THR A 2 -4.58 28.10 29.28
C THR A 2 -3.45 28.05 28.22
N VAL A 3 -3.14 29.19 27.60
CA VAL A 3 -2.17 29.24 26.50
C VAL A 3 -0.78 29.77 26.93
N ASN A 4 0.27 29.18 26.36
CA ASN A 4 1.68 29.43 26.70
C ASN A 4 2.11 29.13 28.16
N TRP A 5 1.55 28.09 28.79
CA TRP A 5 2.07 27.71 30.10
C TRP A 5 3.47 27.12 29.95
N SER A 6 4.29 27.29 30.97
CA SER A 6 5.54 26.57 31.05
C SER A 6 5.28 25.13 31.49
N VAL A 7 6.28 24.27 31.34
CA VAL A 7 6.11 22.90 31.78
C VAL A 7 6.10 22.85 33.31
N GLU A 8 6.83 23.74 33.97
CA GLU A 8 6.92 23.66 35.43
C GLU A 8 5.62 24.08 36.09
N ASP A 9 4.86 24.94 35.40
CA ASP A 9 3.55 25.37 35.87
C ASP A 9 2.51 24.28 35.65
N ILE A 10 2.55 23.65 34.47
CA ILE A 10 1.71 22.50 34.21
C ILE A 10 1.94 21.46 35.30
N VAL A 11 3.21 21.23 35.64
CA VAL A 11 3.53 20.26 36.68
C VAL A 11 2.98 20.70 38.03
N LYS A 12 3.14 21.98 38.37
CA LYS A 12 2.61 22.51 39.62
C LYS A 12 1.10 22.29 39.73
N GLY A 13 0.38 22.57 38.65
CA GLY A 13 -1.06 22.39 38.59
C GLY A 13 -1.53 20.94 38.63
N ILE A 14 -0.89 20.08 37.84
CA ILE A 14 -1.27 18.68 37.83
C ILE A 14 -0.97 18.01 39.16
N ASN A 15 0.02 18.51 39.90
CA ASN A 15 0.33 17.94 41.23
C ASN A 15 -0.51 18.44 42.40
N SER A 16 -1.36 19.44 42.20
CA SER A 16 -2.16 20.01 43.28
C SER A 16 -3.28 19.08 43.74
N ASN A 17 -3.78 19.27 44.96
CA ASN A 17 -4.90 18.48 45.47
C ASN A 17 -6.29 19.01 45.05
N ASN A 18 -6.42 19.43 43.80
CA ASN A 18 -7.59 20.18 43.37
C ASN A 18 -7.94 19.76 41.96
N LEU A 19 -9.08 19.07 41.81
CA LEU A 19 -9.43 18.52 40.51
C LEU A 19 -9.53 19.60 39.43
N GLU A 20 -10.10 20.76 39.77
CA GLU A 20 -10.20 21.84 38.79
C GLU A 20 -8.85 22.42 38.40
N SER A 21 -7.96 22.62 39.37
CA SER A 21 -6.60 23.06 39.08
C SER A 21 -5.92 22.06 38.13
N GLN A 22 -6.17 20.78 38.36
CA GLN A 22 -5.63 19.75 37.49
C GLN A 22 -6.22 19.76 36.09
N LEU A 23 -7.53 19.87 36.00
CA LEU A 23 -8.18 20.01 34.69
C LEU A 23 -7.59 21.17 33.91
N GLN A 24 -7.37 22.28 34.62
CA GLN A 24 -6.83 23.50 34.03
C GLN A 24 -5.43 23.27 33.45
N ALA A 25 -4.57 22.65 34.27
CA ALA A 25 -3.20 22.34 33.88
C ALA A 25 -3.13 21.27 32.78
N THR A 26 -4.03 20.31 32.84
CA THR A 26 -4.12 19.26 31.82
C THR A 26 -4.48 19.86 30.47
N GLN A 27 -5.50 20.71 30.47
CA GLN A 27 -5.83 21.43 29.26
C GLN A 27 -4.69 22.32 28.76
N ALA A 28 -4.01 23.01 29.67
CA ALA A 28 -2.80 23.73 29.29
C ALA A 28 -1.76 22.79 28.62
N ALA A 29 -1.55 21.60 29.17
CA ALA A 29 -0.61 20.64 28.56
C ALA A 29 -1.08 20.26 27.16
N ARG A 30 -2.38 20.07 27.02
CA ARG A 30 -2.93 19.70 25.72
C ARG A 30 -2.66 20.76 24.66
N LYS A 31 -2.80 22.04 25.00
CA LYS A 31 -2.63 23.11 24.02
C LYS A 31 -1.16 23.22 23.62
N LEU A 32 -0.29 23.15 24.62
CA LEU A 32 1.15 23.16 24.42
C LEU A 32 1.62 22.02 23.50
N LEU A 33 1.10 20.80 23.72
CA LEU A 33 1.45 19.66 22.85
C LEU A 33 0.84 19.74 21.47
N SER A 34 -0.14 20.63 21.31
CA SER A 34 -0.86 20.79 20.05
C SER A 34 -0.26 21.85 19.17
N ARG A 35 0.70 22.60 19.70
CA ARG A 35 1.27 23.70 18.92
C ARG A 35 2.04 23.16 17.71
N GLU A 36 2.08 23.95 16.63
CA GLU A 36 2.60 23.47 15.34
C GLU A 36 4.12 23.37 15.29
N LYS A 37 4.81 24.44 15.68
CA LYS A 37 6.27 24.41 15.67
C LYS A 37 6.78 23.72 16.93
N GLN A 38 7.71 22.77 16.72
CA GLN A 38 8.09 21.72 17.69
C GLN A 38 7.47 21.79 19.10
N PRO A 39 6.42 20.98 19.33
CA PRO A 39 5.79 20.85 20.65
C PRO A 39 6.74 20.16 21.61
N PRO A 40 6.83 20.63 22.86
CA PRO A 40 7.78 20.04 23.81
C PRO A 40 7.34 18.67 24.29
N ILE A 41 7.14 17.73 23.37
CA ILE A 41 6.73 16.39 23.75
C ILE A 41 7.73 15.73 24.73
N ASP A 42 9.03 15.83 24.47
CA ASP A 42 9.99 15.13 25.33
C ASP A 42 10.16 15.82 26.68
N ASN A 43 9.84 17.10 26.74
CA ASN A 43 9.83 17.81 28.02
C ASN A 43 8.66 17.38 28.91
N ILE A 44 7.52 17.13 28.29
CA ILE A 44 6.37 16.62 29.01
C ILE A 44 6.63 15.19 29.52
N ILE A 45 7.21 14.33 28.67
CA ILE A 45 7.51 12.96 29.06
C ILE A 45 8.51 12.95 30.21
N ARG A 46 9.55 13.78 30.10
CA ARG A 46 10.57 13.87 31.14
C ARG A 46 10.03 14.39 32.46
N ALA A 47 9.01 15.25 32.39
CA ALA A 47 8.38 15.78 33.60
C ALA A 47 7.57 14.73 34.36
N GLY A 48 7.47 13.53 33.80
CA GLY A 48 6.70 12.46 34.44
C GLY A 48 5.19 12.56 34.32
N LEU A 49 4.71 13.37 33.37
CA LEU A 49 3.28 13.65 33.26
C LEU A 49 2.40 12.51 32.70
N ILE A 50 2.98 11.62 31.89
CA ILE A 50 2.18 10.56 31.27
C ILE A 50 1.39 9.66 32.27
N PRO A 51 2.01 9.19 33.37
CA PRO A 51 1.19 8.38 34.29
C PRO A 51 0.01 9.15 34.92
N LYS A 52 0.19 10.46 35.05
CA LYS A 52 -0.86 11.30 35.59
C LYS A 52 -2.00 11.43 34.58
N PHE A 53 -1.63 11.79 33.36
CA PHE A 53 -2.58 11.79 32.23
C PHE A 53 -3.34 10.48 32.15
N VAL A 54 -2.62 9.36 32.16
CA VAL A 54 -3.26 8.06 31.99
C VAL A 54 -4.25 7.80 33.12
N SER A 55 -3.92 8.24 34.34
CA SER A 55 -4.84 8.04 35.45
C SER A 55 -6.09 8.93 35.34
N PHE A 56 -5.97 10.08 34.65
CA PHE A 56 -7.12 10.97 34.44
C PHE A 56 -8.12 10.35 33.47
N LEU A 57 -7.63 9.46 32.61
CA LEU A 57 -8.52 8.72 31.70
C LEU A 57 -9.63 8.00 32.47
N GLY A 58 -9.31 7.51 33.68
CA GLY A 58 -10.28 6.82 34.51
C GLY A 58 -11.26 7.69 35.28
N LYS A 59 -11.08 9.01 35.30
CA LYS A 59 -11.99 9.86 36.08
C LYS A 59 -13.36 9.99 35.41
N THR A 60 -14.16 8.93 35.53
CA THR A 60 -15.52 8.88 34.98
C THR A 60 -16.34 10.09 35.37
N ASP A 61 -16.22 10.46 36.64
CA ASP A 61 -16.92 11.60 37.24
C ASP A 61 -16.54 12.94 36.61
N CYS A 62 -15.35 13.06 36.04
CA CYS A 62 -14.96 14.31 35.40
C CYS A 62 -14.62 14.14 33.91
N SER A 63 -15.64 14.07 33.07
CA SER A 63 -15.45 13.85 31.64
C SER A 63 -14.54 14.91 30.96
N PRO A 64 -14.55 16.18 31.40
CA PRO A 64 -13.64 17.08 30.70
C PRO A 64 -12.14 16.75 30.87
N ILE A 65 -11.75 16.26 32.04
CA ILE A 65 -10.33 15.94 32.23
C ILE A 65 -10.01 14.62 31.51
N GLN A 66 -11.01 13.75 31.36
CA GLN A 66 -10.86 12.55 30.56
C GLN A 66 -10.50 12.97 29.15
N PHE A 67 -11.24 13.94 28.62
CA PHE A 67 -11.05 14.41 27.27
C PHE A 67 -9.69 15.07 27.03
N GLU A 68 -9.32 16.02 27.90
CA GLU A 68 -8.04 16.75 27.74
C GLU A 68 -6.82 15.85 27.88
N SER A 69 -6.84 14.93 28.85
CA SER A 69 -5.69 14.06 28.99
C SER A 69 -5.66 13.08 27.83
N ALA A 70 -6.83 12.66 27.38
CA ALA A 70 -6.94 11.77 26.21
C ALA A 70 -6.20 12.43 25.06
N TRP A 71 -6.59 13.67 24.79
CA TRP A 71 -6.05 14.46 23.72
C TRP A 71 -4.56 14.74 23.93
N ALA A 72 -4.16 15.10 25.14
CA ALA A 72 -2.74 15.31 25.42
C ALA A 72 -1.96 14.03 25.09
N LEU A 73 -2.48 12.89 25.52
CA LEU A 73 -1.83 11.62 25.25
C LEU A 73 -1.76 11.32 23.75
N THR A 74 -2.84 11.58 23.01
CA THR A 74 -2.79 11.25 21.59
C THR A 74 -1.76 12.13 20.88
N ASN A 75 -1.54 13.35 21.37
CA ASN A 75 -0.52 14.21 20.76
C ASN A 75 0.87 13.60 20.95
N ILE A 76 1.13 13.07 22.14
CA ILE A 76 2.38 12.37 22.38
C ILE A 76 2.48 11.06 21.57
N ALA A 77 1.42 10.25 21.62
CA ALA A 77 1.41 8.97 20.89
C ALA A 77 1.56 9.15 19.38
N SER A 78 1.07 10.25 18.83
CA SER A 78 1.20 10.49 17.40
C SER A 78 2.61 10.98 17.03
N GLY A 79 3.50 11.06 18.01
CA GLY A 79 4.86 11.49 17.77
C GLY A 79 5.70 10.33 17.28
N THR A 80 6.94 10.25 17.77
CA THR A 80 7.88 9.23 17.33
C THR A 80 7.58 7.88 17.97
N SER A 81 8.36 6.87 17.65
CA SER A 81 8.07 5.55 18.17
C SER A 81 8.40 5.45 19.64
N GLU A 82 9.43 6.13 20.09
CA GLU A 82 9.73 6.01 21.52
C GLU A 82 8.75 6.85 22.32
N GLN A 83 8.27 7.93 21.73
CA GLN A 83 7.19 8.71 22.34
C GLN A 83 5.91 7.87 22.48
N THR A 84 5.51 7.20 21.40
CA THR A 84 4.45 6.20 21.46
C THR A 84 4.71 5.13 22.51
N LYS A 85 5.95 4.69 22.60
CA LYS A 85 6.30 3.67 23.57
C LYS A 85 6.03 4.19 24.98
N ALA A 86 6.30 5.48 25.22
CA ALA A 86 6.13 6.03 26.56
C ALA A 86 4.66 5.97 26.96
N VAL A 87 3.79 6.30 26.00
CA VAL A 87 2.36 6.24 26.23
C VAL A 87 1.89 4.81 26.55
N VAL A 88 2.32 3.85 25.75
CA VAL A 88 1.98 2.44 26.01
C VAL A 88 2.55 1.99 27.38
N ASP A 89 3.76 2.41 27.70
CA ASP A 89 4.33 2.01 28.99
C ASP A 89 3.66 2.68 30.19
N GLY A 90 2.88 3.74 29.95
CA GLY A 90 2.07 4.35 30.99
C GLY A 90 0.77 3.59 31.32
N GLY A 91 0.50 2.50 30.60
CA GLY A 91 -0.74 1.76 30.77
C GLY A 91 -1.92 2.39 30.04
N ALA A 92 -1.63 3.13 28.98
CA ALA A 92 -2.67 3.80 28.22
C ALA A 92 -3.64 2.86 27.49
N ILE A 93 -3.14 1.72 26.99
CA ILE A 93 -3.95 0.91 26.10
C ILE A 93 -5.28 0.43 26.73
N PRO A 94 -5.26 -0.27 27.89
CA PRO A 94 -6.57 -0.70 28.39
C PRO A 94 -7.44 0.47 28.83
N ALA A 95 -6.82 1.58 29.20
CA ALA A 95 -7.57 2.78 29.60
C ALA A 95 -8.28 3.41 28.40
N PHE A 96 -7.58 3.47 27.26
CA PHE A 96 -8.17 4.01 26.04
C PHE A 96 -9.30 3.12 25.54
N ILE A 97 -9.16 1.82 25.72
CA ILE A 97 -10.15 0.89 25.21
C ILE A 97 -11.44 1.05 26.00
N SER A 98 -11.34 1.23 27.32
CA SER A 98 -12.51 1.52 28.14
C SER A 98 -13.22 2.79 27.70
N LEU A 99 -12.47 3.76 27.20
CA LEU A 99 -13.10 5.00 26.76
C LEU A 99 -13.91 4.86 25.46
N LEU A 100 -13.69 3.81 24.69
CA LEU A 100 -14.46 3.64 23.46
C LEU A 100 -15.96 3.62 23.75
N ALA A 101 -16.33 3.13 24.94
CA ALA A 101 -17.73 3.03 25.33
C ALA A 101 -18.27 4.30 26.00
N SER A 102 -17.50 5.37 25.95
CA SER A 102 -17.90 6.61 26.61
C SER A 102 -19.16 7.20 25.99
N PRO A 103 -20.09 7.65 26.83
CA PRO A 103 -21.30 8.37 26.43
C PRO A 103 -20.99 9.59 25.55
N HIS A 104 -19.85 10.23 25.80
CA HIS A 104 -19.44 11.42 25.06
C HIS A 104 -18.67 11.06 23.79
N ALA A 105 -19.21 11.42 22.63
CA ALA A 105 -18.58 11.01 21.39
C ALA A 105 -17.24 11.69 21.18
N HIS A 106 -17.07 12.87 21.77
CA HIS A 106 -15.82 13.58 21.61
C HIS A 106 -14.69 12.86 22.31
N ILE A 107 -15.04 12.04 23.30
CA ILE A 107 -14.06 11.33 24.09
C ILE A 107 -13.78 9.97 23.46
N SER A 108 -14.84 9.29 23.03
CA SER A 108 -14.70 8.03 22.29
C SER A 108 -13.89 8.21 21.01
N GLU A 109 -14.15 9.28 20.29
CA GLU A 109 -13.40 9.62 19.09
C GLU A 109 -11.91 9.75 19.37
N GLN A 110 -11.60 10.39 20.49
CA GLN A 110 -10.24 10.58 20.95
C GLN A 110 -9.52 9.25 21.21
N ALA A 111 -10.19 8.34 21.92
CA ALA A 111 -9.64 7.00 22.17
C ALA A 111 -9.42 6.19 20.87
N VAL A 112 -10.35 6.31 19.93
CA VAL A 112 -10.19 5.71 18.61
C VAL A 112 -8.92 6.22 17.95
N TRP A 113 -8.76 7.55 17.93
CA TRP A 113 -7.57 8.18 17.36
C TRP A 113 -6.29 7.72 18.08
N ALA A 114 -6.34 7.63 19.41
CA ALA A 114 -5.20 7.17 20.22
C ALA A 114 -4.76 5.77 19.88
N LEU A 115 -5.74 4.87 19.82
CA LEU A 115 -5.50 3.47 19.51
C LEU A 115 -4.95 3.28 18.10
N GLY A 116 -5.36 4.12 17.16
CA GLY A 116 -4.89 4.02 15.79
C GLY A 116 -3.42 4.38 15.69
N ASN A 117 -3.00 5.41 16.43
CA ASN A 117 -1.58 5.78 16.47
C ASN A 117 -0.71 4.74 17.19
N ILE A 118 -1.22 4.18 18.28
CA ILE A 118 -0.51 3.14 18.98
C ILE A 118 -0.36 1.89 18.09
N ALA A 119 -1.48 1.38 17.56
CA ALA A 119 -1.45 0.22 16.66
C ALA A 119 -0.63 0.45 15.40
N GLY A 120 -0.73 1.64 14.83
CA GLY A 120 -0.03 1.95 13.60
C GLY A 120 1.49 1.97 13.74
N ASP A 121 1.97 2.04 14.98
CA ASP A 121 3.39 2.18 15.19
C ASP A 121 4.21 0.94 14.75
N GLY A 122 3.68 -0.26 14.92
CA GLY A 122 4.36 -1.43 14.43
C GLY A 122 3.66 -2.71 14.80
N SER A 123 4.21 -3.83 14.35
CA SER A 123 3.60 -5.14 14.60
C SER A 123 3.30 -5.44 16.07
N ALA A 124 4.27 -5.19 16.95
CA ALA A 124 4.08 -5.62 18.34
C ALA A 124 2.98 -4.81 19.03
N PHE A 125 2.96 -3.49 18.84
CA PHE A 125 1.90 -2.67 19.44
C PHE A 125 0.54 -2.93 18.79
N ARG A 126 0.53 -3.14 17.48
CA ARG A 126 -0.70 -3.56 16.80
C ARG A 126 -1.28 -4.80 17.48
N ASP A 127 -0.44 -5.80 17.67
CA ASP A 127 -0.90 -7.06 18.25
C ASP A 127 -1.26 -6.90 19.73
N LEU A 128 -0.63 -5.94 20.41
CA LEU A 128 -0.94 -5.70 21.83
C LEU A 128 -2.28 -5.01 22.00
N VAL A 129 -2.60 -4.10 21.07
CA VAL A 129 -3.89 -3.45 21.04
C VAL A 129 -5.02 -4.47 20.83
N ILE A 130 -4.75 -5.43 19.95
CA ILE A 130 -5.71 -6.48 19.64
C ILE A 130 -5.90 -7.41 20.85
N LYS A 131 -4.81 -7.81 21.51
CA LYS A 131 -4.89 -8.63 22.71
C LYS A 131 -5.69 -7.99 23.83
N HIS A 132 -5.50 -6.69 24.05
CA HIS A 132 -6.29 -5.99 25.05
C HIS A 132 -7.77 -5.85 24.68
N GLY A 133 -8.19 -6.42 23.55
CA GLY A 133 -9.59 -6.49 23.19
C GLY A 133 -10.17 -5.27 22.49
N ALA A 134 -9.38 -4.57 21.69
CA ALA A 134 -9.87 -3.33 21.09
C ALA A 134 -10.91 -3.55 20.01
N ILE A 135 -10.79 -4.65 19.28
CA ILE A 135 -11.53 -4.81 18.03
C ILE A 135 -13.04 -4.83 18.23
N ASP A 136 -13.54 -5.55 19.24
CA ASP A 136 -14.99 -5.59 19.48
C ASP A 136 -15.59 -4.20 19.73
N PRO A 137 -15.07 -3.45 20.73
CA PRO A 137 -15.75 -2.15 20.87
C PRO A 137 -15.49 -1.18 19.71
N LEU A 138 -14.45 -1.38 18.91
CA LEU A 138 -14.25 -0.54 17.72
C LEU A 138 -15.33 -0.84 16.69
N LEU A 139 -15.59 -2.12 16.44
CA LEU A 139 -16.60 -2.51 15.46
C LEU A 139 -18.01 -2.17 15.97
N ALA A 140 -18.18 -2.18 17.29
CA ALA A 140 -19.46 -1.79 17.89
C ALA A 140 -19.85 -0.35 17.57
N LEU A 141 -18.86 0.53 17.36
CA LEU A 141 -19.11 1.93 17.05
C LEU A 141 -19.70 2.14 15.64
N LEU A 142 -19.59 1.14 14.77
CA LEU A 142 -20.16 1.24 13.42
C LEU A 142 -21.39 0.34 13.24
N ALA A 143 -21.95 -0.17 14.35
CA ALA A 143 -23.13 -1.03 14.26
C ALA A 143 -24.38 -0.15 14.21
N VAL A 144 -24.53 0.50 13.06
CA VAL A 144 -25.71 1.29 12.73
C VAL A 144 -26.25 0.79 11.39
N PRO A 145 -27.56 0.96 11.18
CA PRO A 145 -28.20 0.53 9.92
C PRO A 145 -27.60 1.22 8.68
N ASP A 146 -27.39 2.54 8.76
CA ASP A 146 -26.78 3.30 7.66
C ASP A 146 -25.62 4.16 8.15
N LEU A 147 -24.45 3.98 7.54
CA LEU A 147 -23.25 4.70 7.91
C LEU A 147 -23.37 6.21 7.66
N SER A 148 -24.32 6.61 6.83
CA SER A 148 -24.45 8.02 6.46
C SER A 148 -24.93 8.90 7.62
N THR A 149 -25.47 8.24 8.64
CA THR A 149 -25.98 8.93 9.80
C THR A 149 -24.92 9.21 10.86
N LEU A 150 -23.72 8.66 10.68
CA LEU A 150 -22.64 8.95 11.61
C LEU A 150 -21.98 10.25 11.21
N ALA A 151 -21.33 10.89 12.16
CA ALA A 151 -20.58 12.11 11.88
C ALA A 151 -19.42 11.80 10.96
N CYS A 152 -19.31 12.59 9.89
CA CYS A 152 -18.28 12.37 8.89
C CYS A 152 -16.83 12.20 9.44
N GLY A 153 -16.36 13.14 10.27
CA GLY A 153 -15.03 13.02 10.83
C GLY A 153 -14.88 11.82 11.75
N TYR A 154 -15.95 11.52 12.48
CA TYR A 154 -16.01 10.36 13.36
C TYR A 154 -15.83 9.06 12.54
N LEU A 155 -16.46 8.99 11.38
CA LEU A 155 -16.38 7.82 10.51
C LEU A 155 -15.01 7.67 9.87
N ARG A 156 -14.41 8.77 9.47
CA ARG A 156 -13.06 8.74 8.87
C ARG A 156 -12.06 8.26 9.89
N ASN A 157 -12.29 8.69 11.13
CA ASN A 157 -11.43 8.34 12.22
C ASN A 157 -11.42 6.83 12.49
N LEU A 158 -12.60 6.25 12.67
CA LEU A 158 -12.74 4.80 12.86
C LEU A 158 -12.12 4.04 11.69
N THR A 159 -12.42 4.49 10.47
CA THR A 159 -11.89 3.81 9.28
C THR A 159 -10.37 3.85 9.27
N TRP A 160 -9.80 5.00 9.58
CA TRP A 160 -8.36 5.11 9.63
C TRP A 160 -7.74 4.20 10.69
N THR A 161 -8.40 4.08 11.84
CA THR A 161 -7.85 3.25 12.90
C THR A 161 -7.94 1.77 12.53
N LEU A 162 -8.99 1.36 11.84
CA LEU A 162 -9.08 -0.03 11.40
C LEU A 162 -7.98 -0.31 10.39
N SER A 163 -7.65 0.68 9.55
CA SER A 163 -6.65 0.42 8.52
C SER A 163 -5.30 0.17 9.19
N ASN A 164 -5.02 0.86 10.30
CA ASN A 164 -3.77 0.59 11.04
C ASN A 164 -3.69 -0.78 11.74
N LEU A 165 -4.83 -1.29 12.19
CA LEU A 165 -4.89 -2.64 12.74
C LEU A 165 -4.69 -3.71 11.67
N CYS A 166 -4.76 -3.32 10.40
CA CYS A 166 -4.49 -4.24 9.28
C CYS A 166 -3.05 -4.14 8.78
N ARG A 167 -2.36 -3.13 9.29
CA ARG A 167 -1.09 -2.70 8.73
C ARG A 167 0.10 -3.46 9.32
N ASN A 168 1.19 -3.46 8.55
CA ASN A 168 2.51 -4.00 8.92
C ASN A 168 2.62 -5.49 8.76
N LYS A 169 3.86 -5.95 8.67
CA LYS A 169 4.13 -7.37 8.48
C LYS A 169 5.20 -7.83 9.47
N ASN A 170 5.56 -9.10 9.37
CA ASN A 170 6.53 -9.72 10.27
C ASN A 170 6.23 -9.51 11.77
N PRO A 171 5.11 -10.07 12.25
CA PRO A 171 4.14 -10.82 11.46
C PRO A 171 3.04 -9.90 10.90
N ALA A 172 2.30 -10.42 9.93
CA ALA A 172 1.04 -9.85 9.51
C ALA A 172 0.05 -9.93 10.68
N PRO A 173 -1.09 -9.20 10.59
CA PRO A 173 -2.09 -9.32 11.67
C PRO A 173 -2.56 -10.78 11.88
N PRO A 174 -3.09 -11.11 13.06
CA PRO A 174 -3.62 -12.47 13.28
C PRO A 174 -4.81 -12.79 12.37
N LEU A 175 -4.84 -13.99 11.81
CA LEU A 175 -5.95 -14.41 10.94
C LEU A 175 -7.32 -14.18 11.57
N ASP A 176 -7.42 -14.50 12.84
CA ASP A 176 -8.61 -14.32 13.63
CA ASP A 176 -8.64 -14.31 13.62
C ASP A 176 -9.11 -12.86 13.64
N ALA A 177 -8.18 -11.92 13.73
CA ALA A 177 -8.53 -10.48 13.80
C ALA A 177 -8.89 -9.93 12.41
N VAL A 178 -8.13 -10.33 11.41
CA VAL A 178 -8.43 -10.00 10.02
C VAL A 178 -9.83 -10.51 9.65
N GLU A 179 -10.16 -11.74 10.00
CA GLU A 179 -11.48 -12.28 9.67
C GLU A 179 -12.59 -11.54 10.40
N GLN A 180 -12.25 -10.97 11.54
CA GLN A 180 -13.22 -10.26 12.35
C GLN A 180 -13.44 -8.83 11.85
N ILE A 181 -12.40 -8.23 11.30
CA ILE A 181 -12.46 -6.86 10.80
C ILE A 181 -12.97 -6.80 9.36
N LEU A 182 -12.67 -7.85 8.60
CA LEU A 182 -12.92 -7.83 7.15
C LEU A 182 -14.35 -7.49 6.73
N PRO A 183 -15.37 -8.05 7.41
CA PRO A 183 -16.73 -7.69 6.98
C PRO A 183 -17.05 -6.20 7.09
N THR A 184 -16.59 -5.55 8.16
CA THR A 184 -16.83 -4.12 8.34
C THR A 184 -16.09 -3.32 7.28
N LEU A 185 -14.90 -3.77 6.93
CA LEU A 185 -14.11 -3.16 5.87
C LEU A 185 -14.80 -3.19 4.50
N VAL A 186 -15.48 -4.30 4.21
CA VAL A 186 -16.18 -4.43 2.95
C VAL A 186 -17.27 -3.37 2.90
N ARG A 187 -17.97 -3.24 4.03
CA ARG A 187 -19.02 -2.25 4.13
C ARG A 187 -18.51 -0.81 3.94
N LEU A 188 -17.37 -0.47 4.55
CA LEU A 188 -16.79 0.86 4.41
C LEU A 188 -16.27 1.12 3.00
N LEU A 189 -15.91 0.05 2.31
CA LEU A 189 -15.43 0.15 0.92
C LEU A 189 -16.56 0.54 -0.02
N HIS A 190 -17.79 0.48 0.51
CA HIS A 190 -18.97 0.88 -0.25
C HIS A 190 -19.54 2.21 0.26
N HIS A 191 -18.85 2.85 1.19
CA HIS A 191 -19.36 4.09 1.72
C HIS A 191 -18.99 5.25 0.82
N ASN A 192 -19.92 6.17 0.59
CA ASN A 192 -19.59 7.29 -0.28
C ASN A 192 -18.99 8.44 0.50
N ASP A 193 -17.67 8.39 0.66
CA ASP A 193 -16.87 9.49 1.16
C ASP A 193 -15.44 9.20 0.76
N PRO A 194 -14.81 10.12 0.03
CA PRO A 194 -13.48 9.80 -0.54
C PRO A 194 -12.48 9.33 0.51
N GLU A 195 -12.47 9.93 1.70
CA GLU A 195 -11.47 9.54 2.68
C GLU A 195 -11.74 8.18 3.31
N VAL A 196 -13.00 7.86 3.59
CA VAL A 196 -13.32 6.53 4.11
C VAL A 196 -12.95 5.50 3.03
N LEU A 197 -13.16 5.88 1.77
CA LEU A 197 -12.81 4.99 0.66
C LEU A 197 -11.29 4.84 0.52
N ALA A 198 -10.54 5.93 0.69
CA ALA A 198 -9.09 5.78 0.59
C ALA A 198 -8.55 4.91 1.73
N ASP A 199 -9.01 5.14 2.96
CA ASP A 199 -8.53 4.39 4.12
C ASP A 199 -8.87 2.89 3.98
N SER A 200 -10.07 2.59 3.50
CA SER A 200 -10.50 1.21 3.32
C SER A 200 -9.64 0.53 2.28
N CYS A 201 -9.33 1.26 1.21
CA CYS A 201 -8.50 0.72 0.16
C CYS A 201 -7.13 0.39 0.68
N TRP A 202 -6.59 1.29 1.51
CA TRP A 202 -5.30 1.04 2.16
C TRP A 202 -5.40 -0.22 3.03
N ALA A 203 -6.45 -0.32 3.84
CA ALA A 203 -6.66 -1.51 4.68
C ALA A 203 -6.57 -2.78 3.84
N ILE A 204 -7.34 -2.82 2.75
CA ILE A 204 -7.36 -3.93 1.83
C ILE A 204 -5.99 -4.19 1.19
N SER A 205 -5.24 -3.13 0.90
CA SER A 205 -3.95 -3.34 0.25
C SER A 205 -2.92 -3.86 1.25
N TYR A 206 -3.05 -3.49 2.52
CA TYR A 206 -2.24 -4.12 3.57
C TYR A 206 -2.57 -5.62 3.70
N LEU A 207 -3.86 -5.96 3.63
CA LEU A 207 -4.27 -7.35 3.83
C LEU A 207 -3.88 -8.22 2.62
N THR A 208 -3.84 -7.64 1.42
CA THR A 208 -3.48 -8.39 0.23
C THR A 208 -1.96 -8.49 0.03
N ASP A 209 -1.20 -7.80 0.87
CA ASP A 209 0.25 -7.84 0.79
C ASP A 209 0.82 -9.04 1.57
N GLY A 210 0.79 -10.22 0.97
CA GLY A 210 1.23 -11.42 1.65
C GLY A 210 1.08 -12.65 0.79
N PRO A 211 1.14 -13.82 1.44
CA PRO A 211 0.97 -15.12 0.75
C PRO A 211 -0.47 -15.31 0.25
N ASN A 212 -0.68 -16.24 -0.70
CA ASN A 212 -1.99 -16.45 -1.33
C ASN A 212 -3.14 -16.74 -0.36
N GLU A 213 -2.83 -17.31 0.80
CA GLU A 213 -3.89 -17.63 1.76
C GLU A 213 -4.51 -16.34 2.24
N ARG A 214 -3.67 -15.34 2.45
CA ARG A 214 -4.08 -14.00 2.86
C ARG A 214 -4.88 -13.30 1.75
N ILE A 215 -4.36 -13.36 0.53
CA ILE A 215 -5.07 -12.77 -0.61
C ILE A 215 -6.45 -13.41 -0.72
N GLU A 216 -6.50 -14.71 -0.45
CA GLU A 216 -7.72 -15.48 -0.62
C GLU A 216 -8.85 -15.03 0.30
N MET A 217 -8.53 -14.77 1.56
CA MET A 217 -9.58 -14.43 2.52
C MET A 217 -10.16 -13.05 2.23
N VAL A 218 -9.39 -12.23 1.50
CA VAL A 218 -9.88 -10.94 1.04
C VAL A 218 -10.72 -11.13 -0.21
N VAL A 219 -10.15 -11.79 -1.21
CA VAL A 219 -10.83 -12.10 -2.47
C VAL A 219 -12.17 -12.81 -2.25
N LYS A 220 -12.19 -13.76 -1.31
CA LYS A 220 -13.37 -14.54 -0.95
C LYS A 220 -14.57 -13.70 -0.48
N LYS A 221 -14.31 -12.49 0.02
CA LYS A 221 -15.39 -11.59 0.46
C LYS A 221 -16.05 -10.85 -0.71
N GLY A 222 -15.49 -11.04 -1.90
CA GLY A 222 -15.99 -10.41 -3.12
C GLY A 222 -15.75 -8.92 -3.29
N VAL A 223 -14.63 -8.41 -2.78
CA VAL A 223 -14.32 -6.98 -2.89
C VAL A 223 -13.68 -6.59 -4.22
N VAL A 224 -13.22 -7.57 -5.00
CA VAL A 224 -12.46 -7.27 -6.21
C VAL A 224 -13.23 -6.37 -7.19
N PRO A 225 -14.56 -6.63 -7.42
CA PRO A 225 -15.28 -5.70 -8.30
C PRO A 225 -15.33 -4.27 -7.74
N GLN A 226 -15.52 -4.12 -6.44
CA GLN A 226 -15.56 -2.78 -5.88
C GLN A 226 -14.17 -2.14 -5.97
N LEU A 227 -13.12 -2.95 -5.88
CA LEU A 227 -11.75 -2.45 -6.05
C LEU A 227 -11.51 -1.93 -7.47
N VAL A 228 -11.93 -2.72 -8.46
CA VAL A 228 -11.78 -2.32 -9.85
C VAL A 228 -12.53 -1.01 -10.09
N LYS A 229 -13.72 -0.88 -9.53
CA LYS A 229 -14.51 0.33 -9.69
C LYS A 229 -13.80 1.56 -9.07
N LEU A 230 -13.12 1.37 -7.94
CA LEU A 230 -12.37 2.45 -7.32
C LEU A 230 -11.12 2.77 -8.14
N LEU A 231 -10.60 1.76 -8.83
CA LEU A 231 -9.45 1.91 -9.71
C LEU A 231 -9.76 2.94 -10.77
N GLY A 232 -11.06 3.09 -11.07
CA GLY A 232 -11.52 4.08 -12.03
C GLY A 232 -11.73 5.49 -11.49
N ALA A 233 -11.73 5.66 -10.18
CA ALA A 233 -12.06 6.97 -9.57
C ALA A 233 -11.17 8.13 -10.03
N THR A 234 -11.66 9.34 -9.80
CA THR A 234 -10.95 10.52 -10.26
C THR A 234 -9.92 10.93 -9.21
N GLU A 235 -10.25 10.72 -7.94
CA GLU A 235 -9.35 11.09 -6.82
C GLU A 235 -8.13 10.18 -6.76
N LEU A 236 -6.96 10.77 -6.97
CA LEU A 236 -5.71 10.05 -6.82
C LEU A 236 -5.51 9.40 -5.44
N PRO A 237 -6.06 10.00 -4.35
CA PRO A 237 -5.92 9.26 -3.07
C PRO A 237 -6.74 7.97 -3.03
N ILE A 238 -7.68 7.80 -3.95
CA ILE A 238 -8.42 6.54 -3.99
C ILE A 238 -7.79 5.57 -4.98
N VAL A 239 -7.35 6.06 -6.13
CA VAL A 239 -6.75 5.18 -7.12
C VAL A 239 -5.46 4.56 -6.62
N THR A 240 -4.65 5.36 -5.92
CA THR A 240 -3.35 4.86 -5.48
C THR A 240 -3.43 3.58 -4.60
N PRO A 241 -4.26 3.57 -3.55
CA PRO A 241 -4.32 2.28 -2.83
C PRO A 241 -5.14 1.19 -3.56
N ALA A 242 -6.14 1.59 -4.34
CA ALA A 242 -6.93 0.62 -5.11
C ALA A 242 -6.05 -0.16 -6.09
N LEU A 243 -5.09 0.54 -6.70
CA LEU A 243 -4.14 -0.07 -7.62
C LEU A 243 -3.15 -0.96 -6.89
N ARG A 244 -2.78 -0.56 -5.68
CA ARG A 244 -1.88 -1.34 -4.86
C ARG A 244 -2.56 -2.68 -4.48
N ALA A 245 -3.83 -2.64 -4.07
CA ALA A 245 -4.56 -3.86 -3.74
C ALA A 245 -4.69 -4.79 -4.96
N ILE A 246 -5.10 -4.25 -6.10
CA ILE A 246 -5.17 -5.05 -7.34
C ILE A 246 -3.81 -5.67 -7.70
N GLY A 247 -2.77 -4.84 -7.62
CA GLY A 247 -1.41 -5.27 -7.89
C GLY A 247 -1.03 -6.41 -6.98
N ASN A 248 -1.46 -6.36 -5.72
CA ASN A 248 -1.16 -7.43 -4.77
C ASN A 248 -1.92 -8.70 -5.11
N ILE A 249 -3.21 -8.57 -5.37
CA ILE A 249 -4.03 -9.71 -5.71
C ILE A 249 -3.48 -10.50 -6.92
N VAL A 250 -2.99 -9.82 -7.96
CA VAL A 250 -2.50 -10.56 -9.12
C VAL A 250 -1.09 -11.17 -8.94
N THR A 251 -0.50 -11.04 -7.75
CA THR A 251 0.72 -11.77 -7.42
C THR A 251 0.36 -13.14 -6.86
N GLY A 252 -0.94 -13.41 -6.77
CA GLY A 252 -1.44 -14.68 -6.31
C GLY A 252 -1.60 -15.72 -7.40
N THR A 253 -2.50 -16.67 -7.18
N THR A 253 -2.50 -16.67 -7.18
CA THR A 253 -2.69 -17.76 -8.13
CA THR A 253 -2.69 -17.76 -8.13
C THR A 253 -3.39 -17.26 -9.39
C THR A 253 -3.40 -17.26 -9.38
N ASP A 254 -3.40 -18.10 -10.41
CA ASP A 254 -4.06 -17.78 -11.67
C ASP A 254 -5.55 -17.53 -11.47
N GLU A 255 -6.15 -18.25 -10.53
CA GLU A 255 -7.58 -18.12 -10.25
C GLU A 255 -7.91 -16.79 -9.59
N GLN A 256 -7.04 -16.33 -8.68
CA GLN A 256 -7.17 -15.02 -8.03
C GLN A 256 -6.92 -13.90 -9.04
N THR A 257 -5.86 -14.04 -9.83
CA THR A 257 -5.61 -13.14 -10.96
C THR A 257 -6.83 -13.04 -11.86
N GLN A 258 -7.43 -14.18 -12.16
CA GLN A 258 -8.57 -14.22 -13.09
C GLN A 258 -9.78 -13.46 -12.54
N LYS A 259 -9.94 -13.48 -11.22
CA LYS A 259 -10.99 -12.71 -10.56
C LYS A 259 -10.87 -11.22 -10.90
N VAL A 260 -9.64 -10.74 -11.04
CA VAL A 260 -9.38 -9.34 -11.33
C VAL A 260 -9.74 -9.02 -12.79
N ILE A 261 -9.32 -9.91 -13.68
CA ILE A 261 -9.63 -9.78 -15.09
C ILE A 261 -11.14 -9.84 -15.33
N ASP A 262 -11.81 -10.81 -14.71
CA ASP A 262 -13.26 -10.93 -14.85
C ASP A 262 -14.00 -9.70 -14.33
N ALA A 263 -13.39 -9.02 -13.36
CA ALA A 263 -14.00 -7.86 -12.75
C ALA A 263 -13.96 -6.64 -13.67
N GLY A 264 -13.18 -6.73 -14.75
CA GLY A 264 -13.11 -5.66 -15.76
C GLY A 264 -11.91 -4.75 -15.61
N ALA A 265 -10.88 -5.20 -14.91
CA ALA A 265 -9.80 -4.32 -14.54
C ALA A 265 -9.00 -3.85 -15.74
N LEU A 266 -8.78 -4.74 -16.71
CA LEU A 266 -7.91 -4.40 -17.83
C LEU A 266 -8.40 -3.19 -18.64
N ALA A 267 -9.68 -2.85 -18.53
CA ALA A 267 -10.23 -1.74 -19.30
C ALA A 267 -9.77 -0.39 -18.74
N VAL A 268 -9.26 -0.41 -17.51
CA VAL A 268 -8.83 0.80 -16.83
C VAL A 268 -7.38 1.12 -17.16
N PHE A 269 -6.67 0.12 -17.66
CA PHE A 269 -5.22 0.22 -17.78
C PHE A 269 -4.65 1.10 -18.89
N PRO A 270 -5.37 1.32 -20.01
CA PRO A 270 -4.88 2.35 -20.93
C PRO A 270 -4.70 3.72 -20.24
N SER A 271 -5.63 4.10 -19.37
CA SER A 271 -5.45 5.29 -18.54
C SER A 271 -4.27 5.16 -17.58
N LEU A 272 -4.26 4.09 -16.79
CA LEU A 272 -3.19 3.87 -15.80
C LEU A 272 -1.79 3.83 -16.39
N LEU A 273 -1.61 3.17 -17.53
CA LEU A 273 -0.29 3.10 -18.16
C LEU A 273 0.15 4.41 -18.83
N THR A 274 -0.74 5.39 -18.94
CA THR A 274 -0.35 6.70 -19.45
C THR A 274 -0.56 7.80 -18.40
N ASN A 275 -0.79 7.37 -17.17
CA ASN A 275 -1.12 8.33 -16.12
C ASN A 275 -0.02 9.37 -15.90
N PRO A 276 -0.41 10.64 -15.71
CA PRO A 276 0.57 11.70 -15.48
C PRO A 276 1.36 11.52 -14.18
N LYS A 277 0.81 10.76 -13.23
CA LYS A 277 1.50 10.54 -11.96
C LYS A 277 2.41 9.32 -12.06
N THR A 278 3.71 9.55 -11.89
CA THR A 278 4.74 8.54 -12.13
C THR A 278 4.53 7.24 -11.37
N ASN A 279 4.11 7.32 -10.11
CA ASN A 279 3.89 6.12 -9.31
CA ASN A 279 3.91 6.12 -9.32
C ASN A 279 2.72 5.27 -9.80
N ILE A 280 1.64 5.91 -10.23
CA ILE A 280 0.50 5.16 -10.78
C ILE A 280 0.94 4.34 -12.01
N GLN A 281 1.72 4.99 -12.87
CA GLN A 281 2.30 4.35 -14.03
C GLN A 281 3.24 3.20 -13.66
N LYS A 282 4.01 3.39 -12.58
CA LYS A 282 4.95 2.37 -12.11
C LYS A 282 4.19 1.13 -11.59
N GLU A 283 3.22 1.35 -10.70
CA GLU A 283 2.41 0.26 -10.13
C GLU A 283 1.54 -0.45 -11.18
N ALA A 284 1.00 0.30 -12.15
CA ALA A 284 0.17 -0.30 -13.20
C ALA A 284 1.02 -1.23 -14.08
N THR A 285 2.24 -0.82 -14.38
CA THR A 285 3.11 -1.66 -15.19
C THR A 285 3.55 -2.90 -14.41
N TRP A 286 3.87 -2.71 -13.14
CA TRP A 286 4.20 -3.83 -12.25
C TRP A 286 3.03 -4.82 -12.19
N THR A 287 1.81 -4.30 -12.14
CA THR A 287 0.61 -5.14 -12.18
C THR A 287 0.52 -5.89 -13.52
N MET A 288 0.76 -5.19 -14.63
CA MET A 288 0.76 -5.85 -15.94
C MET A 288 1.77 -6.97 -16.02
N SER A 289 2.88 -6.82 -15.31
CA SER A 289 3.97 -7.78 -15.37
C SER A 289 3.60 -9.05 -14.64
N ASN A 290 2.67 -8.95 -13.70
CA ASN A 290 2.18 -10.14 -12.99
C ASN A 290 1.01 -10.81 -13.70
N ILE A 291 0.39 -10.09 -14.63
CA ILE A 291 -0.68 -10.65 -15.44
C ILE A 291 -0.11 -11.34 -16.66
N THR A 292 1.01 -10.84 -17.19
CA THR A 292 1.63 -11.48 -18.34
C THR A 292 2.48 -12.65 -17.89
N ALA A 293 2.51 -12.86 -16.57
CA ALA A 293 3.22 -14.00 -15.99
C ALA A 293 2.23 -15.13 -15.66
N GLY A 294 0.96 -14.93 -16.03
CA GLY A 294 -0.07 -15.93 -15.83
C GLY A 294 -0.26 -16.84 -17.04
N ARG A 295 -1.45 -17.41 -17.17
CA ARG A 295 -1.75 -18.35 -18.26
C ARG A 295 -1.77 -17.68 -19.63
N GLN A 296 -1.73 -18.52 -20.67
CA GLN A 296 -1.79 -18.03 -22.04
C GLN A 296 -3.12 -17.38 -22.37
N ASP A 297 -4.21 -17.93 -21.84
CA ASP A 297 -5.51 -17.27 -22.01
C ASP A 297 -5.56 -15.89 -21.31
N GLN A 298 -4.69 -15.68 -20.33
CA GLN A 298 -4.64 -14.40 -19.61
C GLN A 298 -3.75 -13.43 -20.36
N ILE A 299 -2.60 -13.90 -20.84
CA ILE A 299 -1.84 -13.16 -21.83
C ILE A 299 -2.75 -12.72 -23.00
N GLN A 300 -3.61 -13.63 -23.45
CA GLN A 300 -4.48 -13.32 -24.57
C GLN A 300 -5.46 -12.21 -24.22
N GLN A 301 -5.90 -12.14 -22.97
CA GLN A 301 -6.87 -11.11 -22.62
C GLN A 301 -6.23 -9.72 -22.56
N VAL A 302 -4.93 -9.69 -22.21
CA VAL A 302 -4.13 -8.47 -22.31
C VAL A 302 -4.10 -8.01 -23.77
N VAL A 303 -3.90 -8.96 -24.67
CA VAL A 303 -3.89 -8.68 -26.09
C VAL A 303 -5.23 -8.15 -26.56
N ASN A 304 -6.31 -8.84 -26.21
CA ASN A 304 -7.66 -8.48 -26.67
C ASN A 304 -8.09 -7.10 -26.19
N HIS A 305 -7.55 -6.65 -25.07
CA HIS A 305 -7.91 -5.34 -24.54
C HIS A 305 -7.05 -4.22 -25.16
N GLY A 306 -6.21 -4.59 -26.12
CA GLY A 306 -5.34 -3.64 -26.80
C GLY A 306 -4.31 -3.03 -25.87
N LEU A 307 -3.82 -3.82 -24.93
CA LEU A 307 -2.86 -3.30 -23.95
C LEU A 307 -1.41 -3.45 -24.36
N VAL A 308 -1.12 -4.27 -25.37
CA VAL A 308 0.28 -4.47 -25.78
C VAL A 308 0.92 -3.17 -26.34
N PRO A 309 0.20 -2.42 -27.19
CA PRO A 309 0.76 -1.11 -27.59
C PRO A 309 1.07 -0.16 -26.41
N PHE A 310 0.28 -0.24 -25.33
CA PHE A 310 0.59 0.61 -24.18
C PHE A 310 1.84 0.11 -23.47
N LEU A 311 2.07 -1.20 -23.48
CA LEU A 311 3.33 -1.71 -22.95
C LEU A 311 4.49 -1.28 -23.84
N VAL A 312 4.33 -1.38 -25.15
CA VAL A 312 5.38 -0.90 -26.05
C VAL A 312 5.63 0.57 -25.74
N GLY A 313 4.55 1.30 -25.47
CA GLY A 313 4.61 2.70 -25.10
C GLY A 313 5.44 2.98 -23.86
N VAL A 314 5.14 2.30 -22.76
CA VAL A 314 5.87 2.48 -21.51
C VAL A 314 7.36 2.09 -21.67
N LEU A 315 7.61 1.03 -22.41
CA LEU A 315 8.99 0.61 -22.68
C LEU A 315 9.78 1.70 -23.43
N SER A 316 9.07 2.44 -24.28
CA SER A 316 9.68 3.46 -25.11
C SER A 316 10.04 4.72 -24.34
N LYS A 317 9.15 5.15 -23.46
CA LYS A 317 9.33 6.42 -22.76
C LYS A 317 8.60 6.38 -21.43
N ALA A 318 9.37 6.41 -20.35
CA ALA A 318 8.82 6.39 -19.01
C ALA A 318 9.95 6.64 -18.05
N ASP A 319 9.63 6.85 -16.77
CA ASP A 319 10.64 6.86 -15.73
C ASP A 319 11.36 5.53 -15.79
N PHE A 320 12.67 5.51 -15.55
CA PHE A 320 13.43 4.28 -15.72
C PHE A 320 12.90 3.12 -14.87
N LYS A 321 12.42 3.42 -13.66
CA LYS A 321 11.86 2.38 -12.80
C LYS A 321 10.61 1.72 -13.41
N THR A 322 9.82 2.53 -14.11
CA THR A 322 8.64 2.04 -14.83
C THR A 322 9.09 1.21 -16.04
N GLN A 323 10.16 1.63 -16.70
CA GLN A 323 10.67 0.90 -17.85
C GLN A 323 11.18 -0.47 -17.45
N LYS A 324 11.80 -0.57 -16.27
CA LYS A 324 12.20 -1.86 -15.70
C LYS A 324 11.01 -2.80 -15.49
N GLU A 325 9.93 -2.29 -14.92
CA GLU A 325 8.70 -3.08 -14.79
C GLU A 325 8.17 -3.51 -16.15
N ALA A 326 8.33 -2.64 -17.15
CA ALA A 326 7.82 -2.91 -18.47
C ALA A 326 8.59 -4.05 -19.09
N ALA A 327 9.91 -4.03 -18.92
CA ALA A 327 10.78 -5.08 -19.42
C ALA A 327 10.46 -6.43 -18.75
N TRP A 328 10.19 -6.40 -17.45
CA TRP A 328 9.70 -7.61 -16.79
C TRP A 328 8.39 -8.11 -17.41
N ALA A 329 7.43 -7.21 -17.58
CA ALA A 329 6.17 -7.57 -18.24
C ALA A 329 6.41 -8.26 -19.58
N ILE A 330 7.37 -7.74 -20.35
CA ILE A 330 7.67 -8.31 -21.66
C ILE A 330 8.31 -9.70 -21.53
N THR A 331 9.36 -9.81 -20.72
CA THR A 331 10.00 -11.11 -20.45
C THR A 331 9.02 -12.16 -19.98
N ASN A 332 8.11 -11.80 -19.07
CA ASN A 332 7.11 -12.75 -18.63
C ASN A 332 6.21 -13.19 -19.76
N TYR A 333 5.82 -12.22 -20.57
CA TYR A 333 4.93 -12.44 -21.71
C TYR A 333 5.60 -13.35 -22.74
N THR A 334 6.84 -13.05 -23.10
CA THR A 334 7.56 -13.81 -24.10
C THR A 334 7.91 -15.20 -23.56
N SER A 335 7.88 -15.33 -22.24
CA SER A 335 8.23 -16.60 -21.62
C SER A 335 7.05 -17.58 -21.64
N GLY A 336 5.84 -17.10 -21.40
CA GLY A 336 4.71 -18.00 -21.33
C GLY A 336 3.70 -17.84 -22.46
N GLY A 337 4.01 -16.99 -23.43
CA GLY A 337 3.08 -16.76 -24.54
C GLY A 337 3.20 -17.79 -25.66
N THR A 338 2.11 -17.99 -26.39
CA THR A 338 2.13 -18.79 -27.61
C THR A 338 3.03 -18.15 -28.68
N VAL A 339 3.22 -18.84 -29.79
CA VAL A 339 4.04 -18.27 -30.87
C VAL A 339 3.31 -17.10 -31.52
N GLU A 340 2.02 -17.27 -31.77
CA GLU A 340 1.17 -16.20 -32.28
C GLU A 340 1.25 -14.93 -31.42
N GLN A 341 1.18 -15.10 -30.11
CA GLN A 341 1.23 -13.99 -29.18
C GLN A 341 2.59 -13.27 -29.21
N ILE A 342 3.67 -14.04 -29.20
CA ILE A 342 5.00 -13.44 -29.34
C ILE A 342 5.19 -12.74 -30.69
N VAL A 343 4.61 -13.29 -31.75
CA VAL A 343 4.70 -12.71 -33.08
C VAL A 343 3.99 -11.34 -33.08
N TYR A 344 2.80 -11.30 -32.48
CA TYR A 344 2.01 -10.07 -32.36
C TYR A 344 2.77 -8.97 -31.60
N LEU A 345 3.44 -9.35 -30.52
CA LEU A 345 4.23 -8.42 -29.75
C LEU A 345 5.33 -7.79 -30.60
N VAL A 346 5.87 -8.55 -31.54
CA VAL A 346 6.85 -7.99 -32.46
C VAL A 346 6.18 -7.05 -33.47
N HIS A 347 5.00 -7.41 -33.97
CA HIS A 347 4.26 -6.54 -34.87
C HIS A 347 3.87 -5.21 -34.19
N CYS A 348 3.68 -5.22 -32.88
CA CYS A 348 3.34 -4.00 -32.18
C CYS A 348 4.56 -3.11 -31.97
N GLY A 349 5.73 -3.64 -32.32
CA GLY A 349 6.94 -2.85 -32.33
C GLY A 349 7.79 -2.95 -31.08
N ILE A 350 7.93 -4.15 -30.52
CA ILE A 350 8.64 -4.26 -29.25
C ILE A 350 10.16 -4.20 -29.41
N ILE A 351 10.66 -4.60 -30.58
CA ILE A 351 12.10 -4.82 -30.74
C ILE A 351 12.95 -3.59 -30.51
N GLU A 352 12.62 -2.49 -31.16
CA GLU A 352 13.45 -1.29 -31.08
C GLU A 352 13.52 -0.72 -29.65
N PRO A 353 12.36 -0.46 -29.00
CA PRO A 353 12.48 0.06 -27.62
C PRO A 353 13.18 -0.90 -26.65
N LEU A 354 13.07 -2.20 -26.91
CA LEU A 354 13.82 -3.23 -26.19
C LEU A 354 15.32 -3.01 -26.33
N MET A 355 15.79 -2.94 -27.58
CA MET A 355 17.19 -2.68 -27.88
C MET A 355 17.73 -1.41 -27.22
N ASN A 356 16.96 -0.32 -27.32
CA ASN A 356 17.38 0.96 -26.75
C ASN A 356 17.71 0.85 -25.27
N LEU A 357 17.03 -0.06 -24.58
CA LEU A 357 17.25 -0.22 -23.16
C LEU A 357 18.48 -1.06 -22.83
N LEU A 358 19.06 -1.72 -23.83
CA LEU A 358 20.30 -2.46 -23.60
C LEU A 358 21.48 -1.51 -23.35
N SER A 359 21.23 -0.20 -23.51
CA SER A 359 22.24 0.83 -23.22
C SER A 359 22.17 1.30 -21.79
N ALA A 360 21.11 0.90 -21.10
CA ALA A 360 20.98 1.20 -19.70
C ALA A 360 22.06 0.44 -18.92
N LYS A 361 22.81 1.15 -18.08
CA LYS A 361 23.81 0.49 -17.25
C LYS A 361 23.20 0.08 -15.92
N ASP A 362 22.24 -0.82 -16.03
CA ASP A 362 21.61 -1.52 -14.91
C ASP A 362 21.69 -2.99 -15.23
N THR A 363 22.49 -3.73 -14.46
CA THR A 363 22.80 -5.10 -14.84
C THR A 363 21.57 -6.00 -14.96
N LYS A 364 20.59 -5.85 -14.07
CA LYS A 364 19.48 -6.82 -14.09
C LYS A 364 18.40 -6.51 -15.13
N ILE A 365 18.25 -5.25 -15.55
CA ILE A 365 17.31 -5.03 -16.65
C ILE A 365 17.91 -5.62 -17.95
N ILE A 366 19.23 -5.52 -18.12
CA ILE A 366 19.91 -6.12 -19.27
C ILE A 366 19.68 -7.64 -19.33
N GLN A 367 19.88 -8.31 -18.20
CA GLN A 367 19.58 -9.73 -18.12
C GLN A 367 18.16 -10.02 -18.59
N VAL A 368 17.22 -9.30 -18.01
CA VAL A 368 15.81 -9.43 -18.34
C VAL A 368 15.53 -9.24 -19.85
N ILE A 369 16.14 -8.24 -20.47
CA ILE A 369 15.95 -7.97 -21.89
C ILE A 369 16.58 -9.04 -22.80
N LEU A 370 17.82 -9.41 -22.47
CA LEU A 370 18.52 -10.49 -23.18
C LEU A 370 17.71 -11.78 -23.06
N ASP A 371 17.12 -12.01 -21.90
CA ASP A 371 16.31 -13.20 -21.73
C ASP A 371 15.08 -13.11 -22.64
N ALA A 372 14.51 -11.90 -22.74
CA ALA A 372 13.35 -11.64 -23.60
C ALA A 372 13.68 -11.80 -25.08
N ILE A 373 14.83 -11.28 -25.50
CA ILE A 373 15.28 -11.43 -26.88
C ILE A 373 15.47 -12.91 -27.20
N SER A 374 16.00 -13.66 -26.25
CA SER A 374 16.16 -15.09 -26.39
C SER A 374 14.81 -15.82 -26.60
N ASN A 375 13.81 -15.49 -25.78
CA ASN A 375 12.50 -16.10 -25.93
C ASN A 375 11.88 -15.83 -27.28
N ILE A 376 12.12 -14.62 -27.80
CA ILE A 376 11.56 -14.22 -29.08
C ILE A 376 12.24 -14.98 -30.23
N PHE A 377 13.54 -15.22 -30.10
CA PHE A 377 14.27 -15.98 -31.11
C PHE A 377 13.77 -17.41 -31.17
N GLN A 378 13.50 -18.00 -30.00
CA GLN A 378 12.95 -19.34 -29.95
C GLN A 378 11.57 -19.46 -30.60
N ALA A 379 10.80 -18.38 -30.59
CA ALA A 379 9.51 -18.37 -31.25
C ALA A 379 9.73 -18.29 -32.78
N ALA A 380 10.79 -17.58 -33.16
CA ALA A 380 11.15 -17.41 -34.55
C ALA A 380 11.75 -18.68 -35.14
N GLU A 381 12.37 -19.49 -34.29
CA GLU A 381 12.91 -20.79 -34.71
C GLU A 381 11.77 -21.72 -35.15
N LYS A 382 10.69 -21.75 -34.38
CA LYS A 382 9.55 -22.60 -34.76
C LYS A 382 8.82 -22.09 -36.01
N LEU A 383 9.34 -21.02 -36.61
CA LEU A 383 8.81 -20.51 -37.89
C LEU A 383 9.90 -20.26 -38.94
N GLY A 384 11.13 -20.68 -38.66
CA GLY A 384 12.25 -20.45 -39.56
C GLY A 384 12.49 -18.99 -39.89
N GLU A 385 12.38 -18.14 -38.88
CA GLU A 385 12.37 -16.69 -39.09
C GLU A 385 13.45 -15.98 -38.30
N THR A 386 14.35 -16.76 -37.71
CA THR A 386 15.47 -16.21 -36.96
C THR A 386 16.25 -15.25 -37.85
N GLU A 387 16.13 -15.53 -39.15
CA GLU A 387 16.50 -14.70 -40.27
C GLU A 387 16.13 -13.25 -40.04
N LYS A 388 14.86 -13.01 -40.36
CA LYS A 388 14.28 -11.68 -40.45
C LYS A 388 14.38 -10.93 -39.14
N LEU A 389 14.30 -11.68 -38.03
CA LEU A 389 14.42 -11.10 -36.71
C LEU A 389 15.82 -10.55 -36.46
N SER A 390 16.83 -11.28 -36.89
CA SER A 390 18.20 -10.80 -36.81
C SER A 390 18.36 -9.50 -37.58
N ILE A 391 17.79 -9.44 -38.78
CA ILE A 391 17.87 -8.23 -39.58
C ILE A 391 17.21 -7.07 -38.87
N MET A 392 16.03 -7.30 -38.28
CA MET A 392 15.30 -6.26 -37.54
C MET A 392 16.16 -5.72 -36.42
N ILE A 393 16.72 -6.64 -35.65
CA ILE A 393 17.56 -6.29 -34.51
C ILE A 393 18.81 -5.52 -34.99
N GLU A 394 19.39 -5.96 -36.11
CA GLU A 394 20.56 -5.30 -36.70
C GLU A 394 20.24 -3.87 -37.16
N GLU A 395 19.02 -3.65 -37.63
CA GLU A 395 18.65 -2.37 -38.26
C GLU A 395 18.41 -1.23 -37.29
N CYS A 396 18.10 -1.53 -36.03
CA CYS A 396 17.92 -0.47 -35.03
C CYS A 396 19.13 -0.37 -34.13
N GLY A 397 20.27 -0.83 -34.61
CA GLY A 397 21.51 -0.77 -33.85
C GLY A 397 21.51 -1.75 -32.69
N GLY A 398 20.69 -2.79 -32.81
CA GLY A 398 20.50 -3.73 -31.71
C GLY A 398 21.62 -4.72 -31.59
N LEU A 399 22.40 -4.84 -32.66
CA LEU A 399 23.47 -5.80 -32.68
C LEU A 399 24.69 -5.18 -32.03
N ASP A 400 24.95 -3.92 -32.38
CA ASP A 400 25.99 -3.12 -31.74
C ASP A 400 25.85 -3.14 -30.22
N LYS A 401 24.62 -3.11 -29.76
CA LYS A 401 24.37 -3.05 -28.32
C LYS A 401 24.56 -4.42 -27.68
N ILE A 402 24.46 -5.49 -28.45
CA ILE A 402 24.67 -6.83 -27.89
C ILE A 402 26.14 -7.24 -28.01
N GLU A 403 26.78 -6.87 -29.12
CA GLU A 403 28.23 -7.04 -29.23
C GLU A 403 28.96 -6.39 -28.06
N ALA A 404 28.66 -5.12 -27.84
CA ALA A 404 29.26 -4.35 -26.77
C ALA A 404 28.99 -4.99 -25.41
N LEU A 405 27.86 -5.67 -25.30
CA LEU A 405 27.52 -6.37 -24.06
C LEU A 405 28.40 -7.60 -23.85
N GLN A 406 29.31 -7.85 -24.80
CA GLN A 406 30.38 -8.81 -24.58
C GLN A 406 31.59 -8.08 -23.97
N ARG A 407 31.33 -7.00 -23.23
CA ARG A 407 32.41 -6.37 -22.45
C ARG A 407 31.78 -5.62 -21.24
N HIS A 408 30.75 -6.24 -20.65
CA HIS A 408 30.09 -5.70 -19.46
C HIS A 408 30.17 -6.59 -18.23
N GLU A 409 31.14 -6.31 -17.36
CA GLU A 409 31.47 -7.08 -16.14
C GLU A 409 30.79 -8.44 -15.94
N ASN A 410 29.46 -8.44 -15.96
CA ASN A 410 28.67 -9.56 -15.47
C ASN A 410 28.82 -10.88 -16.23
N GLU A 411 28.77 -11.97 -15.45
CA GLU A 411 28.85 -13.34 -15.94
C GLU A 411 27.76 -13.66 -16.97
N SER A 412 26.51 -13.51 -16.55
CA SER A 412 25.33 -13.95 -17.28
C SER A 412 25.05 -13.07 -18.49
N VAL A 413 25.50 -11.83 -18.41
CA VAL A 413 25.40 -10.88 -19.51
C VAL A 413 26.22 -11.34 -20.72
N TYR A 414 27.45 -11.80 -20.49
CA TYR A 414 28.26 -12.37 -21.57
C TYR A 414 27.70 -13.65 -22.12
N LYS A 415 27.60 -14.64 -21.24
CA LYS A 415 27.19 -15.97 -21.61
C LYS A 415 25.84 -15.97 -22.36
N ALA A 416 25.12 -14.85 -22.28
CA ALA A 416 23.93 -14.64 -23.10
C ALA A 416 24.26 -13.77 -24.31
N SER A 417 24.90 -12.62 -24.07
CA SER A 417 25.37 -11.74 -25.14
C SER A 417 26.24 -12.47 -26.17
N LEU A 418 27.22 -13.23 -25.68
CA LEU A 418 28.05 -14.07 -26.54
C LEU A 418 27.21 -15.11 -27.26
N ASN A 419 26.45 -15.88 -26.48
CA ASN A 419 25.56 -16.91 -26.99
C ASN A 419 24.60 -16.44 -28.09
N LEU A 420 23.99 -15.26 -27.91
CA LEU A 420 23.07 -14.71 -28.90
C LEU A 420 23.80 -14.43 -30.20
N ILE A 421 24.96 -13.77 -30.08
CA ILE A 421 25.82 -13.49 -31.21
C ILE A 421 26.17 -14.76 -31.98
N GLU A 422 26.71 -15.76 -31.27
CA GLU A 422 27.10 -17.02 -31.91
C GLU A 422 25.92 -17.66 -32.63
N LYS A 423 24.77 -17.67 -31.95
CA LYS A 423 23.66 -18.48 -32.38
C LYS A 423 22.82 -17.86 -33.49
N TYR A 424 22.76 -16.54 -33.56
CA TYR A 424 21.88 -15.90 -34.54
C TYR A 424 22.57 -14.81 -35.35
N PHE A 425 23.89 -14.74 -35.27
CA PHE A 425 24.58 -13.74 -36.08
C PHE A 425 25.88 -14.30 -36.71
N SER A 426 25.75 -14.67 -37.98
CA SER A 426 26.75 -15.41 -38.76
C SER A 426 27.28 -16.63 -38.02
C10 3D6 B . 7.13 -14.55 -12.80
C13 3D6 B . 9.40 -11.52 -12.21
C15 3D6 B . 8.89 -9.12 -11.50
C17 3D6 B . 10.34 -7.59 -10.38
C20 3D6 B . 8.10 -8.05 -11.92
C21 3D6 B . 7.13 -10.87 -11.81
C22 3D6 B . 6.72 -12.14 -12.12
N01 3D6 B . 3.58 -17.10 -12.07
C02 3D6 B . 4.99 -16.77 -12.19
C03 3D6 B . 5.62 -15.73 -11.23
C04 3D6 B . 4.72 -14.50 -11.11
C05 3D6 B . 3.91 -14.36 -9.80
C06 3D6 B . 2.50 -13.79 -10.05
C07 3D6 B . 1.53 -14.82 -10.66
N08 3D6 B . 0.18 -14.30 -10.90
N09 3D6 B . 7.01 -15.38 -11.60
C11 3D6 B . 7.64 -13.13 -12.47
C12 3D6 B . 9.00 -12.82 -12.53
C14 3D6 B . 8.47 -10.55 -11.86
C16 3D6 B . 10.03 -8.91 -10.71
C18 3D6 B . 9.52 -6.56 -10.84
N19 3D6 B . 8.44 -6.82 -11.58
O23 3D6 B . 5.63 -17.32 -13.04
#